data_2W58
#
_entry.id   2W58
#
_cell.length_a   54.632
_cell.length_b   59.530
_cell.length_c   115.636
_cell.angle_alpha   90.00
_cell.angle_beta   90.00
_cell.angle_gamma   90.00
#
_symmetry.space_group_name_H-M   'P 21 21 21'
#
loop_
_entity.id
_entity.type
_entity.pdbx_description
1 polymer 'PRIMOSOME COMPONENT (HELICASE LOADER)'
2 non-polymer "ADENOSINE-5'-DIPHOSPHATE"
3 non-polymer 'MAGNESIUM ION'
4 non-polymer 'PHOSPHATE ION'
5 water water
#
_entity_poly.entity_id   1
_entity_poly.type   'polypeptide(L)'
_entity_poly.pdbx_seq_one_letter_code
;DERKRQESLIQSMFMPREILRASLSDVDLNDDGRIKAIRFAERFVAEYEPGKKMKGLYLHGSFGVGKTYLLAAIANELAK
RNVSSLIVYVPELFRELKHSLQDQTMNEKLDYIKKVPVLMLDDLGAEAMSSWVRDDVFGPILQYRMFENLPTFFTSNFDM
QQLAHHLTYSQRGEEEKVKAARIMERIRYLAYPIEITGPNRR
;
_entity_poly.pdbx_strand_id   A,B
#
# COMPACT_ATOMS: atom_id res chain seq x y z
N LYS A 4 -18.99 -9.78 15.45
CA LYS A 4 -19.46 -8.86 16.54
C LYS A 4 -18.81 -7.48 16.58
N ARG A 5 -18.92 -6.94 17.79
CA ARG A 5 -18.40 -5.66 18.23
C ARG A 5 -16.96 -5.95 18.57
N GLN A 6 -16.47 -7.07 18.04
CA GLN A 6 -15.11 -7.48 18.29
C GLN A 6 -14.25 -6.38 17.70
N GLU A 7 -14.55 -6.02 16.45
CA GLU A 7 -13.81 -4.98 15.75
C GLU A 7 -13.73 -3.69 16.58
N SER A 8 -14.72 -3.44 17.43
CA SER A 8 -14.72 -2.22 18.23
C SER A 8 -13.57 -2.15 19.23
N LEU A 9 -13.07 -3.31 19.65
CA LEU A 9 -11.96 -3.37 20.59
C LEU A 9 -10.60 -3.36 19.86
N ILE A 10 -10.63 -3.65 18.56
CA ILE A 10 -9.42 -3.68 17.75
C ILE A 10 -9.15 -2.31 17.16
N GLN A 11 -8.08 -1.65 17.63
CA GLN A 11 -7.69 -0.35 17.12
C GLN A 11 -6.87 -0.56 15.84
N SER A 12 -6.82 0.46 14.99
CA SER A 12 -6.08 0.35 13.73
C SER A 12 -5.62 1.70 13.19
N MET A 13 -4.40 1.71 12.66
CA MET A 13 -3.81 2.93 12.10
C MET A 13 -3.28 2.76 10.67
N PHE A 14 -3.73 3.64 9.78
CA PHE A 14 -3.30 3.63 8.39
C PHE A 14 -3.76 2.46 7.55
N MET A 15 -4.64 1.62 8.06
CA MET A 15 -5.10 0.51 7.23
C MET A 15 -6.60 0.31 7.33
N PRO A 16 -7.25 0.01 6.19
CA PRO A 16 -8.69 -0.23 6.01
C PRO A 16 -9.24 -1.22 7.03
N ARG A 17 -10.34 -0.87 7.67
CA ARG A 17 -10.91 -1.76 8.68
C ARG A 17 -11.63 -3.00 8.15
N GLU A 18 -11.93 -3.03 6.87
CA GLU A 18 -12.62 -4.17 6.27
C GLU A 18 -11.76 -5.42 6.31
N ILE A 19 -10.44 -5.24 6.43
CA ILE A 19 -9.52 -6.37 6.48
C ILE A 19 -9.54 -7.02 7.86
N LEU A 20 -10.27 -6.39 8.78
CA LEU A 20 -10.41 -6.89 10.13
C LEU A 20 -11.50 -7.94 10.25
N ARG A 21 -12.12 -8.28 9.12
CA ARG A 21 -13.14 -9.32 9.06
C ARG A 21 -12.29 -10.60 8.89
N ALA A 22 -11.86 -11.16 10.02
CA ALA A 22 -11.02 -12.36 10.01
C ALA A 22 -11.28 -13.29 11.18
N SER A 23 -10.89 -14.55 11.03
CA SER A 23 -11.05 -15.54 12.08
C SER A 23 -10.03 -16.66 11.94
N LEU A 24 -9.49 -17.11 13.07
CA LEU A 24 -8.50 -18.18 13.09
C LEU A 24 -9.10 -19.54 12.70
N SER A 25 -10.34 -19.54 12.23
CA SER A 25 -10.99 -20.77 11.81
C SER A 25 -11.12 -20.79 10.28
N ASP A 26 -10.95 -19.63 9.66
CA ASP A 26 -11.03 -19.53 8.21
C ASP A 26 -9.68 -19.82 7.57
N VAL A 27 -8.66 -19.99 8.40
CA VAL A 27 -7.32 -20.29 7.93
C VAL A 27 -7.20 -21.81 7.80
N ASP A 28 -6.83 -22.27 6.61
CA ASP A 28 -6.72 -23.70 6.30
C ASP A 28 -5.45 -24.39 6.81
N LEU A 29 -5.56 -25.68 7.09
CA LEU A 29 -4.46 -26.50 7.60
C LEU A 29 -3.41 -26.81 6.53
N ASN A 30 -3.80 -26.62 5.27
CA ASN A 30 -2.96 -26.90 4.10
C ASN A 30 -1.43 -27.12 4.21
N ASP A 31 -0.72 -26.35 5.04
CA ASP A 31 0.72 -26.56 5.18
C ASP A 31 1.32 -26.19 6.55
N ASP A 32 2.63 -26.44 6.71
CA ASP A 32 3.33 -26.16 7.97
C ASP A 32 3.28 -24.74 8.50
N GLY A 33 3.59 -23.77 7.64
CA GLY A 33 3.57 -22.39 8.06
C GLY A 33 2.40 -22.02 8.96
N ARG A 34 1.18 -22.16 8.45
CA ARG A 34 0.01 -21.82 9.24
C ARG A 34 -0.30 -22.78 10.39
N ILE A 35 -0.17 -24.09 10.17
CA ILE A 35 -0.44 -25.02 11.26
C ILE A 35 0.36 -24.58 12.48
N LYS A 36 1.65 -24.32 12.29
CA LYS A 36 2.50 -23.88 13.39
C LYS A 36 2.08 -22.49 13.88
N ALA A 37 1.69 -21.63 12.95
CA ALA A 37 1.30 -20.27 13.29
C ALA A 37 0.03 -20.16 14.14
N ILE A 38 -1.10 -20.66 13.66
CA ILE A 38 -2.31 -20.53 14.47
C ILE A 38 -2.20 -21.36 15.74
N ARG A 39 -1.48 -22.47 15.69
CA ARG A 39 -1.30 -23.30 16.88
C ARG A 39 -0.66 -22.40 17.94
N PHE A 40 0.36 -21.65 17.53
CA PHE A 40 1.07 -20.72 18.41
C PHE A 40 0.11 -19.61 18.81
N ALA A 41 -0.57 -19.05 17.81
CA ALA A 41 -1.53 -17.97 18.02
C ALA A 41 -2.55 -18.30 19.10
N GLU A 42 -3.25 -19.42 18.92
CA GLU A 42 -4.28 -19.83 19.88
C GLU A 42 -3.71 -20.08 21.28
N ARG A 43 -2.51 -20.64 21.37
CA ARG A 43 -1.92 -20.87 22.69
C ARG A 43 -1.65 -19.52 23.31
N PHE A 44 -1.25 -18.56 22.48
CA PHE A 44 -0.96 -17.22 22.98
C PHE A 44 -2.25 -16.61 23.52
N VAL A 45 -3.30 -16.64 22.68
CA VAL A 45 -4.59 -16.05 23.05
C VAL A 45 -5.21 -16.70 24.27
N ALA A 46 -4.96 -17.98 24.48
CA ALA A 46 -5.52 -18.68 25.62
C ALA A 46 -4.79 -18.30 26.90
N GLU A 47 -3.47 -18.36 26.84
CA GLU A 47 -2.61 -18.05 27.98
C GLU A 47 -2.35 -16.58 28.28
N TYR A 48 -2.76 -15.67 27.39
CA TYR A 48 -2.50 -14.23 27.63
C TYR A 48 -3.07 -13.62 28.91
N GLU A 49 -2.24 -12.80 29.56
CA GLU A 49 -2.60 -12.12 30.81
C GLU A 49 -1.66 -10.92 30.95
N PRO A 50 -2.20 -9.73 31.20
CA PRO A 50 -1.39 -8.53 31.35
C PRO A 50 -0.06 -8.70 32.13
N GLY A 51 1.07 -8.45 31.46
CA GLY A 51 2.38 -8.56 32.09
C GLY A 51 2.92 -9.97 32.24
N LYS A 52 3.18 -10.61 31.10
CA LYS A 52 3.69 -11.98 31.08
C LYS A 52 4.71 -12.05 29.94
N LYS A 53 5.92 -12.54 30.21
CA LYS A 53 6.88 -12.64 29.11
C LYS A 53 6.11 -13.50 28.14
N MET A 54 5.95 -13.03 26.91
CA MET A 54 5.23 -13.79 25.92
C MET A 54 5.76 -13.40 24.57
N LYS A 55 6.10 -14.40 23.76
CA LYS A 55 6.58 -14.11 22.42
C LYS A 55 5.41 -13.97 21.46
N GLY A 56 5.55 -13.02 20.54
CA GLY A 56 4.52 -12.84 19.55
C GLY A 56 5.04 -13.57 18.34
N LEU A 57 4.44 -13.32 17.19
CA LEU A 57 4.84 -13.97 15.97
C LEU A 57 5.43 -12.97 15.00
N TYR A 58 6.39 -13.44 14.21
CA TYR A 58 7.00 -12.62 13.18
C TYR A 58 6.74 -13.41 11.93
N LEU A 59 5.65 -13.05 11.25
CA LEU A 59 5.23 -13.72 10.04
C LEU A 59 5.83 -13.11 8.79
N HIS A 60 6.57 -13.92 8.05
CA HIS A 60 7.16 -13.45 6.80
C HIS A 60 6.86 -14.45 5.69
N GLY A 61 6.93 -13.97 4.46
CA GLY A 61 6.62 -14.80 3.30
C GLY A 61 6.29 -13.93 2.11
N SER A 62 6.03 -14.57 0.98
CA SER A 62 5.73 -13.85 -0.26
C SER A 62 4.43 -13.06 -0.19
N PHE A 63 4.20 -12.21 -1.19
CA PHE A 63 3.01 -11.39 -1.23
C PHE A 63 1.71 -12.17 -1.36
N GLY A 64 0.70 -11.77 -0.59
CA GLY A 64 -0.60 -12.42 -0.65
C GLY A 64 -0.82 -13.80 -0.03
N VAL A 65 0.05 -14.28 0.85
CA VAL A 65 -0.16 -15.60 1.46
C VAL A 65 -1.12 -15.57 2.68
N GLY A 66 -1.42 -14.38 3.17
CA GLY A 66 -2.35 -14.29 4.30
C GLY A 66 -1.70 -13.89 5.62
N LYS A 67 -0.58 -13.18 5.54
CA LYS A 67 0.14 -12.78 6.75
C LYS A 67 -0.65 -11.74 7.55
N THR A 68 -1.04 -10.65 6.91
CA THR A 68 -1.83 -9.60 7.54
C THR A 68 -3.16 -10.18 8.07
N TYR A 69 -3.80 -11.02 7.27
CA TYR A 69 -5.04 -11.63 7.71
C TYR A 69 -4.83 -12.41 9.01
N LEU A 70 -3.65 -13.00 9.16
CA LEU A 70 -3.33 -13.77 10.36
C LEU A 70 -3.33 -12.86 11.59
N LEU A 71 -2.78 -11.65 11.43
CA LEU A 71 -2.73 -10.69 12.51
C LEU A 71 -4.15 -10.24 12.87
N ALA A 72 -4.92 -9.84 11.86
CA ALA A 72 -6.30 -9.41 12.09
C ALA A 72 -7.00 -10.55 12.79
N ALA A 73 -6.78 -11.77 12.31
CA ALA A 73 -7.40 -12.96 12.90
C ALA A 73 -7.08 -13.06 14.39
N ILE A 74 -5.80 -12.92 14.73
CA ILE A 74 -5.36 -13.01 16.12
C ILE A 74 -6.01 -11.92 16.96
N ALA A 75 -6.11 -10.72 16.40
CA ALA A 75 -6.69 -9.59 17.09
C ALA A 75 -8.15 -9.86 17.42
N ASN A 76 -8.84 -10.51 16.48
CA ASN A 76 -10.25 -10.84 16.67
C ASN A 76 -10.43 -11.88 17.76
N GLU A 77 -9.46 -12.77 17.89
CA GLU A 77 -9.54 -13.79 18.91
C GLU A 77 -9.39 -13.09 20.26
N LEU A 78 -8.42 -12.19 20.36
CA LEU A 78 -8.16 -11.45 21.59
C LEU A 78 -9.30 -10.53 22.00
N ALA A 79 -9.93 -9.87 21.03
CA ALA A 79 -11.05 -8.96 21.33
C ALA A 79 -12.20 -9.81 21.83
N LYS A 80 -12.10 -11.11 21.58
CA LYS A 80 -13.10 -12.07 22.01
C LYS A 80 -12.81 -12.43 23.47
N ARG A 81 -11.65 -12.00 23.94
CA ARG A 81 -11.19 -12.20 25.32
C ARG A 81 -11.29 -10.87 26.02
N ASN A 82 -11.84 -9.88 25.31
CA ASN A 82 -11.97 -8.53 25.83
C ASN A 82 -10.64 -7.86 26.08
N VAL A 83 -9.66 -8.15 25.23
CA VAL A 83 -8.35 -7.52 25.35
C VAL A 83 -8.18 -6.69 24.07
N SER A 84 -7.69 -5.48 24.24
CA SER A 84 -7.48 -4.57 23.13
C SER A 84 -6.13 -4.77 22.47
N SER A 85 -6.10 -4.56 21.16
CA SER A 85 -4.86 -4.67 20.40
C SER A 85 -4.87 -3.56 19.36
N LEU A 86 -3.72 -3.34 18.71
CA LEU A 86 -3.62 -2.29 17.72
C LEU A 86 -2.80 -2.77 16.54
N ILE A 87 -3.35 -2.62 15.34
CA ILE A 87 -2.63 -3.04 14.15
C ILE A 87 -2.24 -1.79 13.36
N VAL A 88 -0.95 -1.66 13.09
CA VAL A 88 -0.41 -0.50 12.40
C VAL A 88 0.21 -0.81 11.07
N TYR A 89 -0.25 -0.17 9.99
CA TYR A 89 0.39 -0.39 8.69
C TYR A 89 1.64 0.46 8.92
N VAL A 90 2.77 -0.19 9.13
CA VAL A 90 4.01 0.52 9.44
C VAL A 90 4.60 1.42 8.36
N PRO A 91 4.59 0.97 7.09
CA PRO A 91 5.17 1.85 6.05
C PRO A 91 4.49 3.23 6.07
N GLU A 92 3.21 3.26 6.41
CA GLU A 92 2.45 4.50 6.46
C GLU A 92 2.73 5.27 7.75
N LEU A 93 3.22 4.57 8.76
CA LEU A 93 3.52 5.20 10.03
C LEU A 93 4.78 6.04 9.86
N PHE A 94 5.77 5.46 9.20
CA PHE A 94 7.03 6.15 8.96
C PHE A 94 6.89 7.31 7.99
N ARG A 95 5.86 7.26 7.15
CA ARG A 95 5.65 8.35 6.21
C ARG A 95 4.92 9.52 6.87
N GLU A 96 3.78 9.27 7.52
CA GLU A 96 3.05 10.37 8.16
C GLU A 96 3.99 11.10 9.10
N LEU A 97 5.04 10.40 9.53
CA LEU A 97 6.04 10.96 10.43
C LEU A 97 6.93 11.99 9.72
N LYS A 98 7.05 11.89 8.40
CA LYS A 98 7.88 12.86 7.68
C LYS A 98 7.05 14.01 7.14
N HIS A 99 5.77 13.83 6.89
CA HIS A 99 5.12 14.99 6.34
C HIS A 99 4.22 15.84 7.22
N SER A 100 3.82 15.32 8.38
CA SER A 100 2.99 16.12 9.30
C SER A 100 3.53 17.54 9.34
N GLN A 104 -0.60 19.69 13.23
CA GLN A 104 -1.29 19.09 14.37
C GLN A 104 -0.64 17.77 14.76
N THR A 105 -1.24 16.96 15.64
CA THR A 105 -0.70 15.74 16.32
C THR A 105 -0.39 14.24 16.00
N MET A 106 0.80 13.85 16.47
CA MET A 106 1.33 12.50 16.33
C MET A 106 2.10 11.82 17.53
N ASN A 107 2.85 12.55 18.34
CA ASN A 107 3.58 11.95 19.48
C ASN A 107 2.69 11.24 20.51
N GLU A 108 1.51 11.79 20.74
CA GLU A 108 0.57 11.20 21.67
C GLU A 108 0.23 9.80 21.17
N LYS A 109 0.36 9.60 19.87
CA LYS A 109 0.06 8.30 19.31
C LYS A 109 1.22 7.31 19.39
N LEU A 110 2.47 7.75 19.20
CA LEU A 110 3.61 6.83 19.33
C LEU A 110 3.51 6.26 20.74
N ASP A 111 3.10 7.12 21.67
CA ASP A 111 2.93 6.78 23.07
C ASP A 111 1.92 5.63 23.16
N TYR A 112 0.81 5.77 22.44
CA TYR A 112 -0.23 4.75 22.45
C TYR A 112 0.33 3.45 21.88
N ILE A 113 1.15 3.57 20.83
CA ILE A 113 1.72 2.42 20.19
C ILE A 113 2.65 1.69 21.15
N LYS A 114 3.54 2.43 21.80
CA LYS A 114 4.47 1.80 22.73
C LYS A 114 3.73 1.17 23.90
N LYS A 115 2.57 1.72 24.25
CA LYS A 115 1.83 1.23 25.40
C LYS A 115 0.65 0.26 25.21
N VAL A 116 0.11 0.12 24.01
CA VAL A 116 -1.01 -0.82 23.84
C VAL A 116 -0.68 -2.20 24.37
N PRO A 117 -1.69 -2.89 24.94
CA PRO A 117 -1.55 -4.24 25.50
C PRO A 117 -0.83 -5.16 24.53
N VAL A 118 -1.39 -5.30 23.34
CA VAL A 118 -0.82 -6.12 22.29
C VAL A 118 -0.65 -5.25 21.05
N LEU A 119 0.52 -5.31 20.43
CA LEU A 119 0.82 -4.52 19.25
C LEU A 119 1.13 -5.36 18.01
N MET A 120 0.56 -4.98 16.87
CA MET A 120 0.82 -5.70 15.63
C MET A 120 1.30 -4.74 14.56
N LEU A 121 2.59 -4.85 14.24
CA LEU A 121 3.24 -4.01 13.25
C LEU A 121 3.18 -4.70 11.90
N ASP A 122 2.33 -4.21 11.02
CA ASP A 122 2.20 -4.82 9.72
C ASP A 122 3.10 -4.28 8.63
N ASP A 123 3.65 -5.23 7.88
CA ASP A 123 4.51 -4.94 6.74
C ASP A 123 5.81 -4.21 7.02
N LEU A 124 6.62 -4.77 7.91
CA LEU A 124 7.94 -4.22 8.22
C LEU A 124 8.83 -4.43 7.00
N GLY A 125 9.60 -3.41 6.61
CA GLY A 125 10.55 -3.60 5.52
C GLY A 125 10.26 -3.34 4.05
N ALA A 126 10.00 -2.09 3.70
CA ALA A 126 9.74 -1.69 2.32
C ALA A 126 9.84 -0.18 2.29
N GLU A 127 10.91 0.33 1.67
CA GLU A 127 11.17 1.76 1.59
C GLU A 127 11.48 2.26 2.98
N SER A 131 22.59 6.05 8.05
CA SER A 131 21.85 5.61 9.24
C SER A 131 20.39 6.01 9.10
N TRP A 132 19.82 6.60 10.15
CA TRP A 132 18.42 7.04 10.10
C TRP A 132 17.75 7.40 11.42
N VAL A 133 16.83 8.35 11.36
CA VAL A 133 16.09 8.83 12.52
C VAL A 133 15.33 7.69 13.14
N ARG A 134 15.17 6.61 12.38
CA ARG A 134 14.44 5.45 12.88
C ARG A 134 15.16 4.84 14.08
N ASP A 135 16.33 5.38 14.39
CA ASP A 135 17.09 4.93 15.53
C ASP A 135 16.49 5.56 16.76
N ASP A 136 15.74 6.63 16.55
CA ASP A 136 15.12 7.31 17.66
C ASP A 136 13.68 6.87 17.85
N VAL A 137 12.95 6.66 16.75
CA VAL A 137 11.53 6.25 16.84
C VAL A 137 11.24 4.75 17.02
N PHE A 138 11.55 3.94 16.01
CA PHE A 138 11.28 2.50 16.05
C PHE A 138 11.96 1.68 17.15
N GLY A 139 13.24 1.92 17.41
CA GLY A 139 13.94 1.17 18.44
C GLY A 139 13.34 1.34 19.82
N PRO A 140 13.16 2.58 20.28
CA PRO A 140 12.57 2.89 21.59
C PRO A 140 11.26 2.17 21.80
N ILE A 141 10.41 2.19 20.78
CA ILE A 141 9.12 1.52 20.85
C ILE A 141 9.40 0.07 21.23
N LEU A 142 10.18 -0.61 20.39
CA LEU A 142 10.54 -2.00 20.62
C LEU A 142 11.11 -2.19 22.02
N GLN A 143 12.04 -1.31 22.41
CA GLN A 143 12.66 -1.42 23.71
C GLN A 143 11.71 -1.21 24.88
N TYR A 144 10.71 -0.35 24.69
CA TYR A 144 9.75 -0.12 25.75
C TYR A 144 8.87 -1.36 25.91
N ARG A 145 8.51 -2.01 24.81
CA ARG A 145 7.67 -3.19 24.91
C ARG A 145 8.43 -4.37 25.51
N MET A 146 9.74 -4.39 25.33
CA MET A 146 10.54 -5.46 25.90
C MET A 146 10.50 -5.22 27.40
N PHE A 147 10.99 -4.05 27.80
CA PHE A 147 11.01 -3.66 29.21
C PHE A 147 9.66 -3.88 29.92
N GLU A 148 8.54 -3.56 29.28
CA GLU A 148 7.23 -3.72 29.91
C GLU A 148 6.45 -5.03 29.66
N ASN A 149 7.08 -5.99 29.00
CA ASN A 149 6.43 -7.27 28.68
C ASN A 149 5.17 -7.10 27.85
N LEU A 150 5.24 -6.21 26.85
CA LEU A 150 4.09 -5.99 25.99
C LEU A 150 4.25 -6.80 24.70
N PRO A 151 3.46 -7.89 24.56
CA PRO A 151 3.47 -8.80 23.40
C PRO A 151 3.55 -8.01 22.09
N THR A 152 4.37 -8.46 21.16
CA THR A 152 4.50 -7.74 19.91
C THR A 152 4.62 -8.66 18.70
N PHE A 153 3.79 -8.40 17.69
CA PHE A 153 3.75 -9.19 16.46
C PHE A 153 4.23 -8.36 15.26
N PHE A 154 4.64 -9.06 14.21
CA PHE A 154 5.11 -8.41 12.99
C PHE A 154 4.74 -9.23 11.75
N THR A 155 4.75 -8.59 10.57
CA THR A 155 4.54 -9.27 9.28
C THR A 155 5.45 -8.56 8.30
N SER A 156 6.30 -9.33 7.63
CA SER A 156 7.20 -8.76 6.67
C SER A 156 7.28 -9.67 5.47
N ASN A 157 7.78 -9.12 4.37
CA ASN A 157 7.95 -9.90 3.15
C ASN A 157 9.31 -10.56 3.30
N PHE A 158 10.10 -10.01 4.23
CA PHE A 158 11.45 -10.49 4.48
C PHE A 158 11.59 -11.23 5.80
N ASP A 159 12.51 -12.19 5.83
CA ASP A 159 12.75 -12.93 7.06
C ASP A 159 13.86 -12.25 7.83
N MET A 160 14.15 -12.78 9.01
CA MET A 160 15.17 -12.23 9.89
C MET A 160 16.49 -11.91 9.17
N GLN A 161 16.99 -12.86 8.40
CA GLN A 161 18.24 -12.66 7.66
C GLN A 161 18.15 -11.44 6.74
N GLN A 162 17.15 -11.43 5.87
CA GLN A 162 16.96 -10.33 4.92
C GLN A 162 16.58 -8.97 5.50
N LEU A 163 15.67 -8.96 6.48
CA LEU A 163 15.26 -7.69 7.06
C LEU A 163 16.43 -6.85 7.52
N ALA A 164 17.39 -7.48 8.18
CA ALA A 164 18.57 -6.78 8.66
C ALA A 164 19.29 -6.16 7.46
N HIS A 165 19.69 -7.02 6.54
CA HIS A 165 20.37 -6.61 5.32
C HIS A 165 19.63 -5.44 4.69
N HIS A 166 18.33 -5.38 4.92
CA HIS A 166 17.51 -4.34 4.33
C HIS A 166 17.44 -2.92 4.92
N LEU A 167 17.18 -2.76 6.22
CA LEU A 167 17.04 -1.38 6.70
C LEU A 167 18.27 -0.49 6.81
N THR A 168 18.24 0.54 5.95
CA THR A 168 19.27 1.57 5.82
C THR A 168 20.70 1.08 5.82
N TYR A 169 21.23 0.76 4.64
CA TYR A 169 22.60 0.30 4.60
C TYR A 169 23.62 1.42 4.56
N SER A 170 24.67 1.22 5.35
CA SER A 170 25.76 2.17 5.50
C SER A 170 27.01 1.73 4.76
N GLN A 171 28.16 2.18 5.26
CA GLN A 171 29.45 1.84 4.65
C GLN A 171 30.15 0.82 5.55
N LYS A 177 24.44 0.08 10.80
CA LYS A 177 25.85 -0.23 11.01
C LYS A 177 26.01 -1.55 11.75
N VAL A 178 25.46 -1.60 12.86
CA VAL A 178 25.43 -2.74 13.78
C VAL A 178 24.18 -2.72 14.64
N LYS A 179 23.85 -1.40 14.82
CA LYS A 179 22.68 -0.99 15.57
C LYS A 179 21.42 -1.49 14.86
N ALA A 180 21.48 -1.61 13.52
CA ALA A 180 20.33 -2.13 12.78
C ALA A 180 20.24 -3.57 13.24
N ALA A 181 21.41 -4.14 13.49
CA ALA A 181 21.46 -5.51 13.96
C ALA A 181 21.05 -5.53 15.41
N ARG A 182 21.23 -4.42 16.12
CA ARG A 182 20.83 -4.37 17.51
C ARG A 182 19.31 -4.35 17.57
N ILE A 183 18.66 -3.70 16.60
CA ILE A 183 17.20 -3.67 16.59
C ILE A 183 16.67 -5.03 16.16
N MET A 184 17.41 -5.71 15.28
CA MET A 184 17.01 -7.04 14.85
C MET A 184 16.96 -7.96 16.06
N GLU A 185 17.77 -7.67 17.08
CA GLU A 185 17.78 -8.50 18.28
C GLU A 185 16.53 -8.31 19.12
N ARG A 186 16.03 -7.08 19.21
CA ARG A 186 14.83 -6.85 20.02
C ARG A 186 13.69 -7.59 19.36
N ILE A 187 13.67 -7.58 18.04
CA ILE A 187 12.61 -8.25 17.31
C ILE A 187 12.53 -9.75 17.52
N ARG A 188 13.63 -10.48 17.38
CA ARG A 188 13.57 -11.92 17.58
C ARG A 188 13.43 -12.24 19.07
N TYR A 189 13.64 -11.22 19.91
CA TYR A 189 13.49 -11.38 21.34
C TYR A 189 12.00 -11.22 21.59
N LEU A 190 11.37 -10.35 20.79
CA LEU A 190 9.95 -10.06 20.90
C LEU A 190 9.04 -11.06 20.20
N ALA A 191 9.50 -11.62 19.08
CA ALA A 191 8.68 -12.56 18.33
C ALA A 191 9.43 -13.76 17.82
N TYR A 192 8.70 -14.86 17.68
CA TYR A 192 9.23 -16.11 17.16
C TYR A 192 8.83 -16.08 15.68
N PRO A 193 9.82 -16.12 14.77
CA PRO A 193 9.53 -16.11 13.34
C PRO A 193 8.95 -17.40 12.79
N ILE A 194 8.05 -17.25 11.81
CA ILE A 194 7.47 -18.41 11.15
C ILE A 194 7.24 -18.00 9.71
N GLU A 195 7.58 -18.89 8.79
CA GLU A 195 7.40 -18.59 7.39
C GLU A 195 6.03 -19.08 6.95
N ILE A 196 5.33 -18.24 6.20
CA ILE A 196 4.03 -18.61 5.71
C ILE A 196 4.10 -18.84 4.21
N THR A 197 3.89 -20.10 3.83
CA THR A 197 3.91 -20.49 2.44
C THR A 197 2.46 -20.71 2.08
N GLY A 198 2.20 -21.01 0.81
CA GLY A 198 0.84 -21.25 0.40
C GLY A 198 0.56 -20.58 -0.92
N PRO A 199 -0.68 -20.66 -1.41
CA PRO A 199 -0.98 -20.02 -2.68
C PRO A 199 -1.01 -18.49 -2.53
N ASN A 200 -1.13 -17.81 -3.66
CA ASN A 200 -1.21 -16.36 -3.71
C ASN A 200 -2.70 -16.07 -3.74
N ARG A 201 -3.24 -15.79 -2.57
CA ARG A 201 -4.66 -15.48 -2.45
C ARG A 201 -4.90 -14.03 -3.04
N ARG A 202 -5.33 -13.95 -4.30
CA ARG A 202 -5.65 -12.69 -5.01
C ARG A 202 -6.11 -13.11 -6.42
N ARG B 5 -10.82 -7.58 -30.20
CA ARG B 5 -10.13 -8.71 -29.50
C ARG B 5 -10.28 -8.59 -27.99
N GLN B 6 -9.29 -7.92 -27.37
CA GLN B 6 -9.19 -7.73 -25.92
C GLN B 6 -9.71 -6.39 -25.37
N GLU B 7 -10.96 -6.05 -25.65
CA GLU B 7 -11.48 -4.77 -25.19
C GLU B 7 -12.54 -4.85 -24.09
N SER B 8 -13.15 -6.03 -23.93
CA SER B 8 -14.17 -6.23 -22.90
C SER B 8 -13.60 -6.28 -21.49
N LEU B 9 -12.28 -6.41 -21.39
CA LEU B 9 -11.59 -6.47 -20.10
C LEU B 9 -11.16 -5.09 -19.63
N ILE B 10 -10.62 -4.29 -20.54
CA ILE B 10 -10.18 -2.94 -20.20
C ILE B 10 -11.29 -1.92 -20.44
N GLN B 11 -11.73 -1.27 -19.37
CA GLN B 11 -12.79 -0.27 -19.47
C GLN B 11 -12.35 1.13 -19.09
N SER B 12 -13.26 2.10 -19.27
CA SER B 12 -12.96 3.50 -18.99
C SER B 12 -14.03 4.24 -18.20
N MET B 13 -13.72 5.49 -17.87
CA MET B 13 -14.63 6.35 -17.14
C MET B 13 -14.44 7.82 -17.52
N PHE B 14 -15.51 8.41 -18.06
CA PHE B 14 -15.53 9.81 -18.46
C PHE B 14 -14.86 10.15 -19.78
N MET B 15 -14.57 9.14 -20.59
CA MET B 15 -13.96 9.39 -21.89
C MET B 15 -14.47 8.40 -22.93
N PRO B 16 -15.02 8.91 -24.05
CA PRO B 16 -15.55 8.08 -25.12
C PRO B 16 -14.62 6.90 -25.43
N ARG B 17 -15.15 5.70 -25.25
CA ARG B 17 -14.41 4.46 -25.45
C ARG B 17 -13.70 4.25 -26.79
N GLU B 18 -13.94 5.11 -27.77
CA GLU B 18 -13.30 4.96 -29.06
C GLU B 18 -11.84 5.40 -29.04
N ILE B 19 -11.41 5.92 -27.90
CA ILE B 19 -10.03 6.39 -27.74
C ILE B 19 -9.11 5.27 -27.27
N LEU B 20 -9.70 4.26 -26.64
CA LEU B 20 -8.95 3.13 -26.10
C LEU B 20 -8.59 2.03 -27.09
N ARG B 21 -8.88 2.24 -28.37
CA ARG B 21 -8.53 1.24 -29.38
C ARG B 21 -7.08 1.49 -29.74
N ALA B 22 -6.17 0.89 -28.96
CA ALA B 22 -4.74 1.10 -29.17
C ALA B 22 -3.89 -0.17 -29.24
N SER B 23 -2.60 0.03 -29.48
CA SER B 23 -1.65 -1.08 -29.59
C SER B 23 -0.21 -0.59 -29.36
N LEU B 24 0.63 -1.47 -28.85
CA LEU B 24 2.04 -1.16 -28.60
C LEU B 24 2.80 -1.23 -29.91
N SER B 25 2.11 -1.70 -30.94
CA SER B 25 2.72 -1.85 -32.26
C SER B 25 2.31 -0.71 -33.17
N ASP B 26 1.13 -0.14 -32.91
CA ASP B 26 0.61 0.97 -33.69
C ASP B 26 1.50 2.21 -33.46
N VAL B 27 2.49 2.05 -32.60
CA VAL B 27 3.43 3.14 -32.28
C VAL B 27 4.77 2.92 -32.95
N ASP B 28 5.50 4.02 -33.11
CA ASP B 28 6.83 3.98 -33.69
C ASP B 28 7.72 4.70 -32.68
N LEU B 29 8.68 3.96 -32.14
CA LEU B 29 9.60 4.52 -31.16
C LEU B 29 10.43 5.64 -31.70
N ASN B 30 9.81 6.73 -32.10
CA ASN B 30 10.47 7.90 -32.55
C ASN B 30 11.57 8.46 -31.73
N ASP B 31 11.37 9.18 -30.66
CA ASP B 31 12.58 9.65 -29.91
C ASP B 31 12.56 9.27 -28.48
N ASP B 32 13.66 8.89 -27.88
CA ASP B 32 13.86 8.24 -26.62
C ASP B 32 13.35 8.99 -25.43
N GLY B 33 12.40 8.32 -24.83
CA GLY B 33 11.66 8.72 -23.66
C GLY B 33 10.67 7.60 -23.91
N ARG B 34 10.25 7.52 -25.17
CA ARG B 34 9.31 6.51 -25.65
C ARG B 34 9.87 5.09 -25.58
N ILE B 35 11.14 4.94 -25.94
CA ILE B 35 11.80 3.64 -25.93
C ILE B 35 11.67 2.92 -24.60
N LYS B 36 11.88 3.64 -23.50
CA LYS B 36 11.79 3.03 -22.17
C LYS B 36 10.35 2.86 -21.68
N ALA B 37 9.41 3.49 -22.35
CA ALA B 37 8.01 3.34 -21.98
C ALA B 37 7.59 1.93 -22.41
N ILE B 38 7.74 1.67 -23.70
CA ILE B 38 7.39 0.37 -24.26
C ILE B 38 8.15 -0.73 -23.54
N ARG B 39 9.38 -0.46 -23.14
CA ARG B 39 10.14 -1.48 -22.44
C ARG B 39 9.55 -1.72 -21.07
N PHE B 40 9.31 -0.62 -20.35
CA PHE B 40 8.72 -0.69 -19.02
C PHE B 40 7.43 -1.50 -19.14
N ALA B 41 6.63 -1.16 -20.15
CA ALA B 41 5.36 -1.83 -20.38
C ALA B 41 5.47 -3.33 -20.52
N GLU B 42 6.33 -3.81 -21.42
CA GLU B 42 6.44 -5.25 -21.60
C GLU B 42 6.96 -5.93 -20.34
N ARG B 43 7.84 -5.25 -19.62
CA ARG B 43 8.37 -5.81 -18.38
C ARG B 43 7.19 -6.00 -17.45
N PHE B 44 6.46 -4.91 -17.27
CA PHE B 44 5.29 -4.86 -16.42
C PHE B 44 4.28 -6.00 -16.67
N VAL B 45 3.90 -6.17 -17.93
CA VAL B 45 2.93 -7.21 -18.28
C VAL B 45 3.44 -8.62 -18.03
N ALA B 46 4.71 -8.83 -18.33
CA ALA B 46 5.32 -10.16 -18.16
C ALA B 46 5.50 -10.58 -16.71
N GLU B 47 5.78 -9.61 -15.84
CA GLU B 47 5.99 -9.91 -14.44
C GLU B 47 4.83 -9.54 -13.53
N TYR B 48 3.68 -9.20 -14.11
CA TYR B 48 2.54 -8.82 -13.32
C TYR B 48 1.85 -9.96 -12.58
N GLU B 49 1.54 -9.76 -11.30
CA GLU B 49 0.74 -10.74 -10.57
C GLU B 49 0.14 -9.94 -9.33
N PRO B 50 -1.17 -10.14 -9.07
CA PRO B 50 -1.89 -9.46 -7.98
C PRO B 50 -1.16 -9.42 -6.64
N GLY B 51 -1.12 -8.23 -6.04
CA GLY B 51 -0.45 -8.06 -4.77
C GLY B 51 1.05 -7.92 -4.87
N LYS B 52 1.54 -8.02 -6.10
CA LYS B 52 2.97 -7.96 -6.41
C LYS B 52 3.81 -6.81 -5.87
N LYS B 53 3.32 -5.59 -5.99
CA LYS B 53 4.06 -4.39 -5.56
C LYS B 53 4.99 -4.06 -6.72
N MET B 54 4.45 -3.29 -7.66
CA MET B 54 5.19 -2.88 -8.84
C MET B 54 4.80 -1.47 -9.29
N LYS B 55 5.78 -0.70 -9.73
CA LYS B 55 5.56 0.65 -10.22
C LYS B 55 4.66 0.66 -11.45
N GLY B 56 4.15 1.85 -11.74
CA GLY B 56 3.31 2.05 -12.90
C GLY B 56 4.07 3.13 -13.65
N LEU B 57 3.50 3.68 -14.71
CA LEU B 57 4.20 4.72 -15.45
C LEU B 57 3.58 6.09 -15.27
N TYR B 58 4.44 7.08 -15.04
CA TYR B 58 4.03 8.46 -14.93
C TYR B 58 4.63 9.09 -16.18
N LEU B 59 3.81 9.28 -17.21
CA LEU B 59 4.27 9.86 -18.47
C LEU B 59 3.94 11.34 -18.53
N HIS B 60 4.95 12.19 -18.70
CA HIS B 60 4.73 13.62 -18.76
C HIS B 60 5.29 14.26 -20.02
N GLY B 61 4.57 15.24 -20.55
CA GLY B 61 4.99 15.95 -21.74
C GLY B 61 3.93 16.89 -22.24
N SER B 62 4.32 17.83 -23.11
CA SER B 62 3.40 18.82 -23.69
C SER B 62 2.20 18.21 -24.45
N PHE B 63 1.25 19.07 -24.81
CA PHE B 63 0.05 18.67 -25.54
C PHE B 63 0.38 17.90 -26.82
N GLY B 64 -0.51 17.02 -27.23
CA GLY B 64 -0.34 16.26 -28.45
C GLY B 64 0.94 15.47 -28.64
N VAL B 65 1.15 14.47 -27.79
CA VAL B 65 2.33 13.62 -27.91
C VAL B 65 1.93 12.15 -28.01
N GLY B 66 1.29 11.63 -26.97
CA GLY B 66 0.88 10.24 -26.99
C GLY B 66 0.78 9.61 -25.61
N LYS B 67 0.73 10.44 -24.57
CA LYS B 67 0.63 9.98 -23.19
C LYS B 67 -0.59 9.05 -22.97
N THR B 68 -1.74 9.54 -23.40
CA THR B 68 -3.03 8.86 -23.32
C THR B 68 -2.98 7.59 -24.11
N TYR B 69 -2.61 7.71 -25.38
CA TYR B 69 -2.51 6.55 -26.26
C TYR B 69 -1.61 5.46 -25.67
N LEU B 70 -0.46 5.84 -25.13
CA LEU B 70 0.47 4.88 -24.54
C LEU B 70 -0.22 4.09 -23.42
N LEU B 71 -0.95 4.79 -22.56
CA LEU B 71 -1.65 4.12 -21.48
C LEU B 71 -2.59 3.07 -22.09
N ALA B 72 -3.36 3.50 -23.08
CA ALA B 72 -4.30 2.60 -23.76
C ALA B 72 -3.55 1.41 -24.33
N ALA B 73 -2.35 1.65 -24.83
CA ALA B 73 -1.53 0.58 -25.39
C ALA B 73 -1.18 -0.39 -24.27
N ILE B 74 -0.54 0.11 -23.21
CA ILE B 74 -0.19 -0.75 -22.08
C ILE B 74 -1.45 -1.47 -21.61
N ALA B 75 -2.58 -0.76 -21.61
CA ALA B 75 -3.84 -1.33 -21.19
C ALA B 75 -4.25 -2.44 -22.13
N ASN B 76 -3.82 -2.36 -23.38
CA ASN B 76 -4.18 -3.38 -24.34
C ASN B 76 -3.27 -4.61 -24.26
N GLU B 77 -1.98 -4.40 -24.04
CA GLU B 77 -1.06 -5.53 -23.92
C GLU B 77 -1.44 -6.33 -22.69
N LEU B 78 -1.99 -5.62 -21.69
CA LEU B 78 -2.42 -6.23 -20.43
C LEU B 78 -3.68 -7.05 -20.64
N ALA B 79 -4.47 -6.70 -21.65
CA ALA B 79 -5.68 -7.45 -21.95
C ALA B 79 -5.30 -8.67 -22.76
N LYS B 80 -4.26 -8.54 -23.59
CA LYS B 80 -3.78 -9.65 -24.42
C LYS B 80 -3.44 -10.81 -23.49
N ARG B 81 -2.94 -10.45 -22.34
CA ARG B 81 -2.74 -11.42 -21.20
C ARG B 81 -3.96 -11.11 -20.32
N ASN B 82 -4.49 -12.01 -19.53
CA ASN B 82 -5.93 -11.71 -19.21
C ASN B 82 -6.18 -10.33 -18.69
N VAL B 83 -5.45 -9.78 -17.78
CA VAL B 83 -5.67 -8.74 -16.82
C VAL B 83 -6.55 -7.59 -17.19
N SER B 84 -7.61 -7.30 -16.41
CA SER B 84 -8.51 -6.18 -16.67
C SER B 84 -7.91 -4.88 -16.12
N SER B 85 -7.97 -3.83 -16.94
CA SER B 85 -7.42 -2.54 -16.58
C SER B 85 -8.56 -1.53 -16.52
N LEU B 86 -8.25 -0.34 -16.00
CA LEU B 86 -9.23 0.73 -15.91
C LEU B 86 -8.57 2.09 -16.06
N ILE B 87 -8.93 2.79 -17.14
CA ILE B 87 -8.38 4.12 -17.39
C ILE B 87 -9.50 5.12 -17.18
N VAL B 88 -9.21 6.17 -16.42
CA VAL B 88 -10.20 7.18 -16.12
C VAL B 88 -9.71 8.58 -16.45
N TYR B 89 -10.57 9.35 -17.10
CA TYR B 89 -10.22 10.73 -17.44
C TYR B 89 -10.41 11.49 -16.13
N VAL B 90 -9.28 11.81 -15.49
CA VAL B 90 -9.27 12.49 -14.20
C VAL B 90 -9.99 13.84 -14.06
N PRO B 91 -9.66 14.82 -14.92
CA PRO B 91 -10.32 16.14 -14.82
C PRO B 91 -11.84 16.09 -14.74
N GLU B 92 -12.43 15.11 -15.41
CA GLU B 92 -13.87 14.95 -15.42
C GLU B 92 -14.39 14.51 -14.07
N LEU B 93 -13.77 13.49 -13.50
CA LEU B 93 -14.17 12.96 -12.22
C LEU B 93 -14.12 14.02 -11.14
N PHE B 94 -13.01 14.75 -11.08
CA PHE B 94 -12.88 15.80 -10.09
C PHE B 94 -13.96 16.83 -10.28
N ARG B 95 -14.20 17.22 -11.54
CA ARG B 95 -15.21 18.21 -11.86
C ARG B 95 -16.54 17.67 -11.37
N GLU B 96 -16.83 16.44 -11.77
CA GLU B 96 -18.05 15.75 -11.40
C GLU B 96 -18.20 15.73 -9.88
N LEU B 97 -17.13 15.30 -9.21
CA LEU B 97 -17.10 15.20 -7.76
C LEU B 97 -17.62 16.44 -7.01
N LYS B 98 -17.21 17.62 -7.47
CA LYS B 98 -17.62 18.89 -6.86
C LYS B 98 -18.93 18.81 -6.08
N HIS B 99 -19.98 18.36 -6.77
CA HIS B 99 -21.29 18.20 -6.16
C HIS B 99 -21.86 16.86 -6.62
N SER B 100 -21.66 15.82 -5.83
CA SER B 100 -22.15 14.49 -6.18
C SER B 100 -21.99 13.49 -5.04
N LEU B 101 -21.22 13.87 -4.02
CA LEU B 101 -21.07 13.00 -2.87
C LEU B 101 -22.38 13.17 -2.11
N GLN B 102 -23.31 13.84 -2.77
CA GLN B 102 -24.63 14.09 -2.21
C GLN B 102 -25.51 12.88 -2.41
N ASP B 103 -25.73 12.17 -1.32
CA ASP B 103 -26.67 11.10 -1.33
C ASP B 103 -26.48 10.28 -2.54
N GLN B 104 -25.28 9.59 -2.62
CA GLN B 104 -25.30 8.53 -3.50
C GLN B 104 -24.25 7.92 -4.31
N THR B 105 -24.67 7.27 -5.45
CA THR B 105 -23.95 6.07 -6.01
C THR B 105 -22.63 6.31 -6.63
N MET B 106 -22.55 7.46 -7.32
CA MET B 106 -21.22 7.78 -7.86
C MET B 106 -20.12 7.42 -6.84
N ASN B 107 -20.30 7.54 -5.51
CA ASN B 107 -19.18 7.23 -4.60
C ASN B 107 -18.88 5.73 -4.54
N GLU B 108 -19.80 4.92 -5.06
CA GLU B 108 -19.59 3.48 -5.08
C GLU B 108 -18.80 3.27 -6.37
N LYS B 109 -18.68 4.37 -7.12
CA LYS B 109 -17.92 4.39 -8.37
C LYS B 109 -16.49 4.67 -7.91
N LEU B 110 -16.37 5.60 -6.96
CA LEU B 110 -15.08 5.97 -6.39
C LEU B 110 -14.48 4.76 -5.70
N ASP B 111 -15.36 3.94 -5.11
CA ASP B 111 -14.95 2.74 -4.40
C ASP B 111 -14.35 1.68 -5.33
N TYR B 112 -14.96 1.52 -6.50
CA TYR B 112 -14.51 0.55 -7.48
C TYR B 112 -13.18 0.93 -8.09
N ILE B 113 -13.02 2.21 -8.40
CA ILE B 113 -11.79 2.71 -8.99
C ILE B 113 -10.61 2.58 -8.02
N LYS B 114 -10.93 2.68 -6.74
CA LYS B 114 -9.91 2.56 -5.69
C LYS B 114 -9.42 1.11 -5.62
N LYS B 115 -10.32 0.16 -5.86
CA LYS B 115 -10.00 -1.26 -5.76
C LYS B 115 -9.66 -2.04 -7.03
N VAL B 116 -9.67 -1.39 -8.19
CA VAL B 116 -9.34 -2.12 -9.42
C VAL B 116 -7.89 -2.59 -9.47
N PRO B 117 -7.62 -3.70 -10.17
CA PRO B 117 -6.29 -4.29 -10.33
C PRO B 117 -5.26 -3.33 -10.94
N VAL B 118 -5.65 -2.64 -11.99
CA VAL B 118 -4.77 -1.66 -12.64
C VAL B 118 -5.53 -0.37 -12.91
N LEU B 119 -5.07 0.72 -12.31
CA LEU B 119 -5.71 2.01 -12.47
C LEU B 119 -4.83 2.92 -13.33
N MET B 120 -5.45 3.63 -14.26
CA MET B 120 -4.70 4.54 -15.11
C MET B 120 -5.44 5.86 -15.10
N LEU B 121 -4.82 6.87 -14.51
CA LEU B 121 -5.43 8.19 -14.41
C LEU B 121 -4.93 9.12 -15.51
N ASP B 122 -5.78 9.37 -16.50
CA ASP B 122 -5.41 10.25 -17.62
C ASP B 122 -5.41 11.74 -17.31
N ASP B 123 -4.32 12.38 -17.74
CA ASP B 123 -3.98 13.79 -17.56
C ASP B 123 -4.38 14.50 -16.29
N LEU B 124 -3.54 14.29 -15.27
CA LEU B 124 -3.66 14.90 -13.96
C LEU B 124 -3.21 16.34 -14.18
N GLY B 125 -3.66 17.25 -13.33
CA GLY B 125 -3.28 18.64 -13.52
C GLY B 125 -4.36 19.18 -14.42
N ALA B 126 -4.05 20.22 -15.21
CA ALA B 126 -5.05 20.78 -16.08
C ALA B 126 -6.31 21.00 -15.26
N GLU B 127 -6.43 22.12 -14.53
CA GLU B 127 -7.33 22.28 -13.38
C GLU B 127 -7.33 21.71 -11.94
N ALA B 128 -8.47 21.97 -11.28
CA ALA B 128 -8.89 21.47 -9.96
C ALA B 128 -8.49 21.93 -8.54
N SER B 130 -9.28 21.35 -7.61
CA SER B 130 -9.34 21.60 -6.16
C SER B 130 -8.69 20.78 -4.98
N SER B 131 -8.76 21.36 -3.77
CA SER B 131 -8.16 20.82 -2.52
C SER B 131 -8.84 19.82 -1.56
N TRP B 132 -10.15 19.85 -1.33
CA TRP B 132 -10.68 18.82 -0.42
C TRP B 132 -10.84 17.56 -1.27
N VAL B 133 -10.82 17.77 -2.58
CA VAL B 133 -10.95 16.71 -3.55
C VAL B 133 -9.61 16.00 -3.74
N ARG B 134 -8.56 16.80 -3.82
CA ARG B 134 -7.21 16.31 -4.00
C ARG B 134 -6.83 15.49 -2.80
N ASP B 135 -6.85 16.18 -1.69
CA ASP B 135 -6.42 15.65 -0.43
C ASP B 135 -7.40 14.74 0.36
N ASP B 136 -8.66 14.66 -0.09
CA ASP B 136 -9.66 13.77 0.53
C ASP B 136 -10.21 12.71 -0.44
N VAL B 137 -10.31 13.07 -1.72
CA VAL B 137 -10.83 12.13 -2.71
C VAL B 137 -9.67 11.40 -3.36
N PHE B 138 -8.76 12.19 -3.92
CA PHE B 138 -7.58 11.68 -4.60
C PHE B 138 -6.65 10.96 -3.65
N GLY B 139 -6.16 11.67 -2.64
CA GLY B 139 -5.24 11.09 -1.68
C GLY B 139 -5.55 9.67 -1.23
N PRO B 140 -6.71 9.46 -0.59
CA PRO B 140 -7.16 8.16 -0.10
C PRO B 140 -7.09 7.08 -1.17
N ILE B 141 -7.35 7.45 -2.41
CA ILE B 141 -7.24 6.50 -3.51
C ILE B 141 -5.80 6.00 -3.58
N LEU B 142 -4.86 6.93 -3.66
CA LEU B 142 -3.44 6.61 -3.73
C LEU B 142 -2.98 5.87 -2.48
N GLN B 143 -3.42 6.33 -1.31
CA GLN B 143 -2.99 5.67 -0.09
C GLN B 143 -3.48 4.22 -0.03
N TYR B 144 -4.70 3.97 -0.50
CA TYR B 144 -5.23 2.61 -0.49
C TYR B 144 -4.48 1.72 -1.48
N ARG B 145 -4.28 2.21 -2.69
CA ARG B 145 -3.60 1.41 -3.69
C ARG B 145 -2.12 1.20 -3.38
N MET B 146 -1.61 1.94 -2.41
CA MET B 146 -0.21 1.78 -2.01
C MET B 146 -0.19 0.60 -1.04
N PHE B 147 -1.05 0.67 -0.04
CA PHE B 147 -1.18 -0.37 0.97
C PHE B 147 -1.50 -1.75 0.35
N GLU B 148 -2.33 -1.77 -0.70
CA GLU B 148 -2.72 -3.02 -1.36
C GLU B 148 -1.79 -3.41 -2.51
N ASN B 149 -0.88 -2.51 -2.85
CA ASN B 149 0.06 -2.74 -3.93
C ASN B 149 -0.64 -2.99 -5.27
N LEU B 150 -1.57 -2.10 -5.58
CA LEU B 150 -2.34 -2.17 -6.82
C LEU B 150 -1.71 -1.19 -7.81
N PRO B 151 -1.21 -1.69 -8.96
CA PRO B 151 -0.58 -0.88 -10.02
C PRO B 151 -1.38 0.34 -10.46
N THR B 152 -0.71 1.49 -10.50
CA THR B 152 -1.34 2.75 -10.87
C THR B 152 -0.51 3.58 -11.86
N PHE B 153 -1.14 4.01 -12.94
CA PHE B 153 -0.46 4.81 -13.97
C PHE B 153 -1.03 6.23 -14.06
N PHE B 154 -0.25 7.14 -14.62
CA PHE B 154 -0.69 8.54 -14.79
C PHE B 154 -0.14 9.14 -16.09
N THR B 155 -0.66 10.31 -16.43
CA THR B 155 -0.23 11.09 -17.59
C THR B 155 -0.53 12.51 -17.18
N SER B 156 0.42 13.41 -17.37
CA SER B 156 0.25 14.80 -16.98
C SER B 156 1.06 15.71 -17.89
N ASN B 157 0.55 16.93 -18.10
CA ASN B 157 1.27 17.89 -18.93
C ASN B 157 2.50 18.36 -18.19
N PHE B 158 2.62 17.98 -16.92
CA PHE B 158 3.73 18.43 -16.10
C PHE B 158 4.62 17.32 -15.54
N ASP B 159 5.87 17.67 -15.25
CA ASP B 159 6.79 16.71 -14.65
C ASP B 159 6.41 16.74 -13.18
N MET B 160 6.82 15.73 -12.43
CA MET B 160 6.46 15.69 -11.02
C MET B 160 6.71 16.97 -10.23
N GLN B 161 7.88 17.57 -10.40
CA GLN B 161 8.19 18.81 -9.68
C GLN B 161 7.22 19.95 -10.03
N GLN B 162 6.74 19.96 -11.27
CA GLN B 162 5.84 21.03 -11.71
C GLN B 162 4.38 20.75 -11.36
N LEU B 163 4.05 19.48 -11.12
CA LEU B 163 2.67 19.13 -10.77
C LEU B 163 2.43 19.45 -9.30
N ALA B 164 3.52 19.53 -8.54
CA ALA B 164 3.45 19.81 -7.12
C ALA B 164 3.26 21.30 -6.88
N HIS B 165 4.17 22.09 -7.44
CA HIS B 165 4.10 23.53 -7.30
C HIS B 165 2.82 24.02 -7.96
N HIS B 166 2.24 23.15 -8.79
CA HIS B 166 0.99 23.43 -9.49
C HIS B 166 -0.15 23.35 -8.47
N LEU B 167 -0.21 22.22 -7.78
CA LEU B 167 -1.26 21.95 -6.79
C LEU B 167 -1.30 22.79 -5.52
N THR B 168 -0.33 23.68 -5.31
CA THR B 168 -0.29 24.43 -4.05
C THR B 168 -1.26 25.56 -3.71
N TYR B 169 -1.77 26.35 -4.63
CA TYR B 169 -2.77 27.41 -4.49
C TYR B 169 -2.53 28.22 -3.22
N GLU B 174 2.78 28.17 5.19
CA GLU B 174 2.68 26.94 4.41
C GLU B 174 2.03 25.83 5.23
N GLU B 175 1.53 24.83 4.54
CA GLU B 175 0.90 23.68 5.14
C GLU B 175 0.33 22.88 3.98
N GLU B 176 0.04 23.58 2.89
CA GLU B 176 -0.45 22.91 1.70
C GLU B 176 0.80 22.55 0.91
N LYS B 177 1.90 23.03 1.45
CA LYS B 177 3.20 22.65 0.90
C LYS B 177 3.52 21.20 1.21
N VAL B 178 3.09 20.89 2.47
CA VAL B 178 3.24 19.53 2.97
C VAL B 178 2.23 18.58 2.32
N LYS B 179 1.02 19.09 2.09
CA LYS B 179 -0.04 18.31 1.48
C LYS B 179 0.33 17.89 0.07
N ALA B 180 0.84 18.83 -0.72
CA ALA B 180 1.26 18.50 -2.08
C ALA B 180 2.43 17.54 -1.93
N ALA B 181 3.12 17.66 -0.81
CA ALA B 181 4.28 16.82 -0.51
C ALA B 181 3.85 15.38 -0.25
N ARG B 182 2.91 15.16 0.69
CA ARG B 182 2.54 13.76 0.95
C ARG B 182 1.87 13.14 -0.22
N ILE B 183 1.21 13.97 -1.01
CA ILE B 183 0.52 13.47 -2.15
C ILE B 183 1.46 13.21 -3.32
N MET B 184 2.53 14.00 -3.44
CA MET B 184 3.47 13.81 -4.53
C MET B 184 4.30 12.57 -4.19
N GLU B 185 4.57 12.39 -2.89
CA GLU B 185 5.35 11.26 -2.42
C GLU B 185 4.66 9.96 -2.83
N ARG B 186 3.33 9.96 -2.77
CA ARG B 186 2.56 8.79 -3.13
C ARG B 186 2.69 8.49 -4.63
N ILE B 187 2.46 9.50 -5.47
CA ILE B 187 2.58 9.32 -6.91
C ILE B 187 3.95 8.72 -7.25
N ARG B 188 5.00 9.31 -6.69
CA ARG B 188 6.36 8.84 -6.93
C ARG B 188 6.53 7.37 -6.49
N TYR B 189 6.02 7.04 -5.30
CA TYR B 189 6.12 5.68 -4.81
C TYR B 189 5.39 4.71 -5.74
N LEU B 190 4.37 5.24 -6.43
CA LEU B 190 3.57 4.42 -7.33
C LEU B 190 3.99 4.41 -8.80
N ALA B 191 4.59 5.48 -9.29
CA ALA B 191 4.97 5.54 -10.69
C ALA B 191 6.37 6.08 -10.95
N TYR B 192 7.02 5.52 -11.97
CA TYR B 192 8.36 5.94 -12.38
C TYR B 192 8.11 6.92 -13.53
N PRO B 193 8.64 8.16 -13.44
CA PRO B 193 8.44 9.16 -14.49
C PRO B 193 9.30 9.05 -15.75
N ILE B 194 8.63 9.04 -16.90
CA ILE B 194 9.26 8.93 -18.21
C ILE B 194 8.85 10.09 -19.13
N GLU B 195 9.80 10.98 -19.42
CA GLU B 195 9.56 12.15 -20.27
C GLU B 195 9.37 11.78 -21.73
N ILE B 196 8.41 12.44 -22.40
CA ILE B 196 8.17 12.14 -23.80
C ILE B 196 8.24 13.36 -24.72
N THR B 197 8.72 13.12 -25.94
CA THR B 197 8.95 14.21 -26.87
C THR B 197 8.93 13.88 -28.37
#